data_3R3X
#
_entry.id   3R3X
#
_cell.length_a   42.260
_cell.length_b   80.170
_cell.length_c   85.540
_cell.angle_alpha   90.00
_cell.angle_beta   103.19
_cell.angle_gamma   90.00
#
_symmetry.space_group_name_H-M   'P 1 21 1'
#
loop_
_entity.id
_entity.type
_entity.pdbx_description
1 polymer 'Fluoroacetate dehalogenase'
2 non-polymer 'bromoacetic acid'
3 non-polymer 'CALCIUM ION'
4 non-polymer 'CHLORIDE ION'
5 water water
#
_entity_poly.entity_id   1
_entity_poly.type   'polypeptide(L)'
_entity_poly.pdbx_seq_one_letter_code
;GHMPDLADLFPGFGSEWINTSSGRIFARVGGDGPPLLLLHGFPQTHVMWHRVAPKLAERFKVIVADLPGYGWSDMPESDE
QHTPYTKRAMAKQLIEAMEQLGHVHFALAGHNRGARVSYRLALDSPGRLSKLAVLDILPTYEYWQRMNRAYALKIYHWSF
LAQPAPLPENLLGGDPDFYVKAKLASWTRAGDLSAFDPRAVEHYRIAFADPMRRHVMCEDYRAGAYADFEHDKIDVEAGN
KIPVPMLALWGASGIAQSAATPLDVWRKWASDVQGAPIESGHFLPEEAPDQTAEALVRFFSAAPGS
;
_entity_poly.pdbx_strand_id   A,B
#
loop_
_chem_comp.id
_chem_comp.type
_chem_comp.name
_chem_comp.formula
BXA non-polymer 'bromoacetic acid' 'C2 H3 Br O2'
CA non-polymer 'CALCIUM ION' 'Ca 2'
CL non-polymer 'CHLORIDE ION' 'Cl -1'
#
# COMPACT_ATOMS: atom_id res chain seq x y z
N LEU A 6 -8.58 15.27 28.37
CA LEU A 6 -9.37 14.08 27.86
C LEU A 6 -10.59 13.69 28.73
N ALA A 7 -11.76 13.55 28.11
CA ALA A 7 -13.02 13.23 28.81
C ALA A 7 -13.10 11.81 29.37
N ASP A 8 -13.85 11.67 30.46
CA ASP A 8 -14.27 10.39 31.02
C ASP A 8 -15.61 10.00 30.39
N LEU A 9 -15.57 8.97 29.50
CA LEU A 9 -16.73 8.56 28.70
C LEU A 9 -17.44 7.30 29.27
N PHE A 10 -17.04 6.89 30.47
CA PHE A 10 -17.62 5.75 31.14
C PHE A 10 -18.01 6.14 32.58
N PRO A 11 -19.04 6.98 32.74
CA PRO A 11 -19.21 7.51 34.10
C PRO A 11 -19.60 6.43 35.09
N GLY A 12 -18.97 6.44 36.27
CA GLY A 12 -19.20 5.38 37.23
C GLY A 12 -18.37 4.11 37.06
N PHE A 13 -17.61 4.00 35.96
CA PHE A 13 -16.71 2.84 35.78
C PHE A 13 -15.42 3.13 36.54
N GLY A 14 -14.84 2.10 37.13
CA GLY A 14 -13.52 2.21 37.70
C GLY A 14 -12.45 2.18 36.62
N SER A 15 -11.20 2.26 37.07
CA SER A 15 -10.00 2.24 36.18
C SER A 15 -9.00 1.25 36.82
N GLU A 16 -8.28 0.45 36.03
CA GLU A 16 -7.28 -0.53 36.57
C GLU A 16 -6.07 -0.48 35.64
N TRP A 17 -4.86 -0.54 36.19
CA TRP A 17 -3.64 -0.73 35.39
C TRP A 17 -3.20 -2.12 35.84
N ILE A 18 -3.33 -3.10 34.96
CA ILE A 18 -3.11 -4.52 35.30
C ILE A 18 -1.71 -4.99 34.88
N ASN A 19 -0.88 -5.42 35.85
CA ASN A 19 0.44 -6.01 35.48
C ASN A 19 0.40 -7.37 34.78
N THR A 20 1.26 -7.50 33.79
CA THR A 20 1.49 -8.78 33.11
C THR A 20 2.98 -8.92 32.84
N SER A 21 3.37 -10.10 32.43
CA SER A 21 4.74 -10.38 32.14
C SER A 21 5.23 -9.55 30.95
N SER A 22 4.30 -9.04 30.14
CA SER A 22 4.63 -8.25 28.96
C SER A 22 4.41 -6.73 29.15
N GLY A 23 4.06 -6.30 30.34
CA GLY A 23 3.67 -4.88 30.50
C GLY A 23 2.22 -4.66 30.91
N ARG A 24 1.94 -3.45 31.40
CA ARG A 24 0.61 -3.18 31.99
C ARG A 24 -0.46 -3.08 30.92
N ILE A 25 -1.66 -3.56 31.24
CA ILE A 25 -2.85 -3.34 30.44
C ILE A 25 -3.75 -2.35 31.17
N PHE A 26 -4.10 -1.26 30.50
CA PHE A 26 -5.06 -0.32 31.06
C PHE A 26 -6.48 -0.78 30.73
N ALA A 27 -7.35 -0.68 31.71
CA ALA A 27 -8.80 -0.98 31.50
C ALA A 27 -9.77 -0.11 32.29
N ARG A 28 -10.93 0.14 31.71
CA ARG A 28 -12.08 0.63 32.49
C ARG A 28 -12.93 -0.57 32.88
N VAL A 29 -13.48 -0.55 34.10
CA VAL A 29 -14.19 -1.70 34.65
C VAL A 29 -15.50 -1.25 35.34
N GLY A 30 -16.60 -1.90 35.01
CA GLY A 30 -17.95 -1.56 35.49
C GLY A 30 -18.98 -2.69 35.46
N GLY A 31 -20.16 -2.42 36.01
CA GLY A 31 -21.24 -3.41 36.10
C GLY A 31 -20.99 -4.53 37.12
N ASP A 32 -21.71 -5.63 36.96
CA ASP A 32 -21.66 -6.81 37.82
C ASP A 32 -22.32 -7.94 37.03
N GLY A 33 -22.00 -9.19 37.33
CA GLY A 33 -22.51 -10.30 36.51
C GLY A 33 -21.38 -11.05 35.88
N PRO A 34 -21.68 -11.93 34.92
CA PRO A 34 -20.65 -12.73 34.26
C PRO A 34 -19.62 -11.82 33.55
N PRO A 35 -18.35 -12.23 33.55
CA PRO A 35 -17.33 -11.31 33.04
C PRO A 35 -17.28 -11.24 31.49
N LEU A 36 -17.17 -9.99 30.95
CA LEU A 36 -17.12 -9.75 29.51
C LEU A 36 -16.01 -8.74 29.15
N LEU A 37 -15.03 -9.22 28.40
CA LEU A 37 -13.95 -8.39 27.92
C LEU A 37 -14.24 -7.85 26.53
N LEU A 38 -14.01 -6.57 26.38
CA LEU A 38 -14.20 -5.87 25.12
C LEU A 38 -12.85 -5.32 24.58
N LEU A 39 -12.55 -5.57 23.32
CA LEU A 39 -11.24 -5.20 22.75
C LEU A 39 -11.42 -4.43 21.45
N HIS A 40 -11.02 -3.16 21.46
CA HIS A 40 -10.91 -2.28 20.32
C HIS A 40 -9.87 -2.67 19.25
N GLY A 41 -9.82 -1.90 18.19
CA GLY A 41 -8.71 -1.98 17.24
C GLY A 41 -8.16 -0.62 16.75
N PHE A 42 -7.80 -0.57 15.48
CA PHE A 42 -7.04 0.54 14.83
C PHE A 42 -8.00 1.41 14.06
N PRO A 43 -7.85 2.74 14.14
CA PRO A 43 -6.91 3.57 14.90
C PRO A 43 -7.52 4.13 16.17
N GLN A 44 -7.96 3.28 17.07
CA GLN A 44 -8.80 3.67 18.18
C GLN A 44 -8.21 3.14 19.52
N THR A 45 -8.95 3.29 20.59
CA THR A 45 -8.57 2.87 21.95
C THR A 45 -9.88 2.33 22.59
N HIS A 46 -9.83 1.91 23.86
CA HIS A 46 -10.94 1.40 24.60
C HIS A 46 -12.18 2.26 24.55
N VAL A 47 -11.98 3.58 24.46
CA VAL A 47 -13.11 4.48 24.43
C VAL A 47 -14.16 4.23 23.29
N MET A 48 -13.80 3.52 22.19
N MET A 48 -13.80 3.52 22.21
CA MET A 48 -14.79 3.27 21.14
CA MET A 48 -14.77 3.25 21.14
C MET A 48 -16.02 2.45 21.60
C MET A 48 -16.04 2.53 21.65
N TRP A 49 -15.94 1.85 22.79
CA TRP A 49 -17.05 1.10 23.32
C TRP A 49 -17.93 1.95 24.21
N HIS A 50 -17.75 3.27 24.23
CA HIS A 50 -18.47 4.08 25.24
C HIS A 50 -19.96 4.19 25.02
N ARG A 51 -20.44 4.00 23.79
CA ARG A 51 -21.89 4.03 23.59
C ARG A 51 -22.58 2.73 23.94
N VAL A 52 -21.87 1.61 23.93
CA VAL A 52 -22.50 0.30 24.26
C VAL A 52 -22.19 -0.23 25.65
N ALA A 53 -21.04 0.14 26.19
CA ALA A 53 -20.62 -0.30 27.55
C ALA A 53 -21.66 -0.11 28.67
N PRO A 54 -22.35 1.05 28.74
CA PRO A 54 -23.31 1.19 29.87
C PRO A 54 -24.40 0.17 29.83
N LYS A 55 -24.91 -0.10 28.63
CA LYS A 55 -26.00 -1.01 28.42
C LYS A 55 -25.57 -2.45 28.68
N LEU A 56 -24.36 -2.81 28.24
CA LEU A 56 -23.81 -4.14 28.59
C LEU A 56 -23.59 -4.30 30.11
N ALA A 57 -23.29 -3.18 30.78
CA ALA A 57 -22.94 -3.18 32.20
C ALA A 57 -24.16 -3.37 33.12
N GLU A 58 -25.36 -3.30 32.52
CA GLU A 58 -26.61 -3.63 33.19
C GLU A 58 -26.73 -5.12 33.44
N ARG A 59 -25.98 -5.94 32.67
CA ARG A 59 -26.12 -7.38 32.69
C ARG A 59 -24.81 -8.19 32.90
N PHE A 60 -23.67 -7.53 32.70
CA PHE A 60 -22.32 -8.19 32.81
C PHE A 60 -21.33 -7.29 33.57
N LYS A 61 -20.29 -7.91 34.18
CA LYS A 61 -19.10 -7.21 34.64
C LYS A 61 -18.26 -6.95 33.40
N VAL A 62 -18.12 -5.67 33.06
CA VAL A 62 -17.53 -5.29 31.75
C VAL A 62 -16.13 -4.75 31.92
N ILE A 63 -15.16 -5.36 31.20
CA ILE A 63 -13.77 -4.98 31.24
C ILE A 63 -13.41 -4.39 29.85
N VAL A 64 -13.16 -3.10 29.81
CA VAL A 64 -12.90 -2.40 28.50
C VAL A 64 -11.38 -2.11 28.45
N ALA A 65 -10.62 -2.95 27.76
CA ALA A 65 -9.15 -2.85 27.81
C ALA A 65 -8.52 -2.19 26.57
N ASP A 66 -7.45 -1.40 26.79
CA ASP A 66 -6.53 -1.03 25.72
C ASP A 66 -5.67 -2.28 25.37
N LEU A 67 -5.53 -2.52 24.05
CA LEU A 67 -4.70 -3.58 23.51
C LEU A 67 -3.26 -3.34 23.89
N PRO A 68 -2.47 -4.40 24.08
CA PRO A 68 -0.99 -4.18 24.24
C PRO A 68 -0.43 -3.15 23.27
N GLY A 69 0.26 -2.16 23.79
CA GLY A 69 0.83 -1.07 22.99
C GLY A 69 -0.06 0.08 22.53
N TYR A 70 -1.36 0.02 22.80
CA TYR A 70 -2.33 1.06 22.42
C TYR A 70 -2.86 1.85 23.61
N GLY A 71 -3.31 3.06 23.38
CA GLY A 71 -4.04 3.80 24.43
C GLY A 71 -3.08 4.09 25.57
N TRP A 72 -3.44 3.65 26.78
CA TRP A 72 -2.55 3.78 27.94
C TRP A 72 -1.86 2.49 28.41
N SER A 73 -2.03 1.38 27.68
CA SER A 73 -1.31 0.19 27.99
C SER A 73 0.17 0.42 27.64
N ASP A 74 1.06 -0.31 28.32
CA ASP A 74 2.54 -0.23 28.10
C ASP A 74 2.87 -0.67 26.70
N MET A 75 3.92 -0.12 26.14
CA MET A 75 4.41 -0.49 24.78
C MET A 75 5.71 -1.38 24.85
N PRO A 76 5.58 -2.71 24.81
CA PRO A 76 6.79 -3.54 24.81
C PRO A 76 7.65 -3.29 23.58
N GLU A 77 8.98 -3.40 23.73
CA GLU A 77 9.91 -3.24 22.61
C GLU A 77 9.63 -4.41 21.60
N SER A 78 9.58 -4.11 20.30
CA SER A 78 9.26 -5.15 19.30
C SER A 78 10.55 -5.88 18.93
N ASP A 79 10.45 -6.80 17.97
CA ASP A 79 11.65 -7.48 17.47
C ASP A 79 11.45 -7.72 15.98
N GLU A 80 12.34 -8.54 15.41
CA GLU A 80 12.47 -8.75 13.96
C GLU A 80 11.24 -9.48 13.41
N GLN A 81 10.59 -10.29 14.27
CA GLN A 81 9.34 -10.98 13.91
C GLN A 81 8.01 -10.28 14.43
N HIS A 82 8.16 -9.07 14.97
CA HIS A 82 7.06 -8.26 15.49
C HIS A 82 6.32 -8.96 16.67
N THR A 83 7.05 -9.84 17.40
CA THR A 83 6.42 -10.80 18.33
C THR A 83 5.37 -10.24 19.29
N PRO A 84 5.67 -9.17 20.01
CA PRO A 84 4.72 -8.79 21.06
C PRO A 84 3.41 -8.24 20.49
N TYR A 85 3.40 -7.88 19.18
CA TYR A 85 2.22 -7.34 18.49
C TYR A 85 1.56 -8.30 17.51
N THR A 86 2.00 -9.58 17.58
CA THR A 86 1.25 -10.68 17.00
C THR A 86 0.00 -10.88 17.82
N LYS A 87 -1.03 -11.39 17.18
CA LYS A 87 -2.25 -11.66 17.87
C LYS A 87 -2.08 -12.82 18.87
N ARG A 88 -1.22 -13.80 18.55
CA ARG A 88 -0.89 -14.88 19.53
C ARG A 88 -0.37 -14.29 20.80
N ALA A 89 0.59 -13.35 20.69
CA ALA A 89 1.20 -12.84 21.92
C ALA A 89 0.23 -11.93 22.64
N MET A 90 -0.49 -11.07 21.90
CA MET A 90 -1.49 -10.19 22.51
C MET A 90 -2.51 -10.99 23.27
N ALA A 91 -2.95 -12.12 22.71
CA ALA A 91 -3.94 -12.98 23.37
C ALA A 91 -3.38 -13.52 24.69
N LYS A 92 -2.15 -14.03 24.65
CA LYS A 92 -1.47 -14.51 25.87
C LYS A 92 -1.39 -13.48 26.94
N GLN A 93 -1.05 -12.26 26.52
CA GLN A 93 -0.91 -11.15 27.48
C GLN A 93 -2.28 -10.80 28.11
N LEU A 94 -3.35 -10.78 27.29
CA LEU A 94 -4.69 -10.48 27.80
C LEU A 94 -5.22 -11.62 28.71
N ILE A 95 -4.82 -12.85 28.40
CA ILE A 95 -5.14 -13.99 29.30
C ILE A 95 -4.51 -13.75 30.69
N GLU A 96 -3.23 -13.40 30.73
CA GLU A 96 -2.59 -13.10 32.02
C GLU A 96 -3.30 -11.96 32.74
N ALA A 97 -3.66 -10.90 32.03
CA ALA A 97 -4.32 -9.75 32.68
C ALA A 97 -5.69 -10.18 33.22
N MET A 98 -6.48 -10.97 32.47
CA MET A 98 -7.72 -11.53 33.04
C MET A 98 -7.49 -12.40 34.30
N GLU A 99 -6.44 -13.22 34.33
CA GLU A 99 -6.14 -14.01 35.55
C GLU A 99 -5.83 -13.12 36.77
N GLN A 100 -5.28 -11.94 36.57
CA GLN A 100 -4.97 -11.02 37.69
C GLN A 100 -6.25 -10.54 38.33
N LEU A 101 -7.34 -10.55 37.55
CA LEU A 101 -8.64 -10.13 38.07
C LEU A 101 -9.43 -11.33 38.58
N GLY A 102 -8.87 -12.54 38.47
CA GLY A 102 -9.61 -13.76 38.76
C GLY A 102 -10.54 -14.33 37.70
N HIS A 103 -10.37 -13.95 36.43
CA HIS A 103 -11.19 -14.45 35.33
C HIS A 103 -10.37 -15.43 34.47
N VAL A 104 -10.69 -16.72 34.59
CA VAL A 104 -10.08 -17.80 33.80
C VAL A 104 -11.04 -18.36 32.74
N HIS A 105 -12.27 -17.90 32.73
CA HIS A 105 -13.26 -18.35 31.77
C HIS A 105 -14.19 -17.16 31.63
N PHE A 106 -14.30 -16.61 30.44
CA PHE A 106 -14.98 -15.35 30.28
C PHE A 106 -15.59 -15.22 28.85
N ALA A 107 -16.53 -14.30 28.70
CA ALA A 107 -17.04 -13.91 27.39
C ALA A 107 -16.19 -12.78 26.75
N LEU A 108 -16.12 -12.74 25.40
CA LEU A 108 -15.22 -11.83 24.69
C LEU A 108 -15.84 -11.25 23.40
N ALA A 109 -15.76 -9.93 23.27
CA ALA A 109 -16.09 -9.33 21.99
C ALA A 109 -14.98 -8.40 21.53
N GLY A 110 -14.65 -8.45 20.26
CA GLY A 110 -13.62 -7.64 19.66
C GLY A 110 -14.02 -7.04 18.35
N HIS A 111 -13.30 -5.95 18.03
CA HIS A 111 -13.50 -5.21 16.76
C HIS A 111 -12.17 -4.97 16.09
N ASN A 112 -12.10 -5.16 14.76
CA ASN A 112 -10.91 -4.79 14.01
C ASN A 112 -9.74 -5.56 14.66
N ARG A 113 -8.61 -4.92 15.00
CA ARG A 113 -7.44 -5.73 15.48
C ARG A 113 -7.80 -6.56 16.72
N GLY A 114 -8.65 -5.97 17.57
CA GLY A 114 -9.17 -6.61 18.78
C GLY A 114 -9.99 -7.87 18.52
N ALA A 115 -10.74 -7.90 17.39
CA ALA A 115 -11.43 -9.15 16.89
C ALA A 115 -10.42 -10.22 16.43
N ARG A 116 -9.29 -9.79 15.87
CA ARG A 116 -8.20 -10.68 15.44
C ARG A 116 -7.50 -11.33 16.67
N VAL A 117 -7.22 -10.51 17.71
CA VAL A 117 -6.77 -11.06 19.00
C VAL A 117 -7.77 -12.09 19.53
N SER A 118 -9.07 -11.78 19.38
CA SER A 118 -10.10 -12.65 19.93
C SER A 118 -10.21 -14.02 19.24
N TYR A 119 -10.26 -14.06 17.94
CA TYR A 119 -10.34 -15.39 17.29
C TYR A 119 -9.05 -16.20 17.44
N ARG A 120 -7.93 -15.51 17.52
CA ARG A 120 -6.63 -16.19 17.72
C ARG A 120 -6.61 -16.80 19.12
N LEU A 121 -7.12 -16.04 20.07
CA LEU A 121 -7.34 -16.52 21.44
C LEU A 121 -8.17 -17.82 21.46
N ALA A 122 -9.29 -17.81 20.71
CA ALA A 122 -10.16 -18.96 20.60
C ALA A 122 -9.49 -20.17 19.96
N LEU A 123 -8.63 -19.94 18.97
CA LEU A 123 -7.91 -21.06 18.37
C LEU A 123 -6.80 -21.62 19.27
N ASP A 124 -6.16 -20.78 20.10
CA ASP A 124 -4.99 -21.22 20.85
C ASP A 124 -5.40 -21.75 22.20
N SER A 125 -6.39 -21.12 22.80
CA SER A 125 -6.79 -21.45 24.15
C SER A 125 -8.33 -21.45 24.32
N PRO A 126 -9.01 -22.33 23.61
CA PRO A 126 -10.49 -22.26 23.67
C PRO A 126 -11.15 -22.42 25.05
N GLY A 127 -10.54 -23.15 26.00
CA GLY A 127 -11.14 -23.31 27.29
C GLY A 127 -11.24 -22.00 28.08
N ARG A 128 -10.57 -20.93 27.61
CA ARG A 128 -10.69 -19.60 28.22
C ARG A 128 -12.02 -18.85 27.99
N LEU A 129 -12.75 -19.24 26.92
CA LEU A 129 -13.91 -18.49 26.47
C LEU A 129 -15.24 -19.28 26.57
N SER A 130 -16.21 -18.65 27.16
CA SER A 130 -17.57 -19.17 27.11
C SER A 130 -18.20 -18.94 25.74
N LYS A 131 -18.12 -17.70 25.29
CA LYS A 131 -18.59 -17.30 23.95
C LYS A 131 -17.74 -16.18 23.37
N LEU A 132 -17.77 -16.03 22.02
CA LEU A 132 -16.97 -15.03 21.33
C LEU A 132 -17.78 -14.27 20.31
N ALA A 133 -17.64 -12.94 20.27
CA ALA A 133 -18.16 -12.14 19.15
C ALA A 133 -17.00 -11.43 18.42
N VAL A 134 -17.05 -11.40 17.08
CA VAL A 134 -16.12 -10.70 16.19
C VAL A 134 -16.93 -9.71 15.33
N LEU A 135 -16.53 -8.42 15.40
CA LEU A 135 -17.21 -7.33 14.72
C LEU A 135 -16.40 -6.80 13.52
N ASP A 136 -17.11 -6.80 12.40
CA ASP A 136 -16.65 -6.36 11.07
C ASP A 136 -15.31 -6.85 10.61
N ILE A 137 -15.02 -8.14 10.75
CA ILE A 137 -13.74 -8.74 10.26
C ILE A 137 -13.98 -10.13 9.67
N LEU A 138 -13.10 -10.48 8.74
CA LEU A 138 -12.78 -11.85 8.45
C LEU A 138 -11.39 -12.25 9.02
N PRO A 139 -11.07 -13.56 9.04
CA PRO A 139 -9.71 -13.93 9.44
C PRO A 139 -8.64 -13.34 8.57
N THR A 140 -7.50 -13.04 9.17
CA THR A 140 -6.35 -12.44 8.47
C THR A 140 -5.93 -13.31 7.25
N TYR A 141 -5.95 -14.64 7.40
CA TYR A 141 -5.70 -15.51 6.20
C TYR A 141 -6.66 -15.21 5.04
N GLU A 142 -7.94 -15.01 5.35
CA GLU A 142 -8.93 -14.79 4.29
C GLU A 142 -8.75 -13.43 3.60
N TYR A 143 -8.46 -12.37 4.37
CA TYR A 143 -8.12 -11.07 3.77
C TYR A 143 -7.01 -11.19 2.75
N TRP A 144 -5.91 -11.85 3.12
CA TRP A 144 -4.78 -12.03 2.22
C TRP A 144 -5.05 -12.97 1.03
N GLN A 145 -5.74 -14.08 1.26
CA GLN A 145 -6.06 -15.01 0.13
C GLN A 145 -6.90 -14.38 -0.99
N ARG A 146 -7.80 -13.49 -0.61
CA ARG A 146 -8.63 -12.71 -1.55
C ARG A 146 -7.93 -11.61 -2.29
N MET A 147 -6.70 -11.31 -1.95
CA MET A 147 -6.00 -10.13 -2.47
C MET A 147 -5.91 -10.24 -4.01
N ASN A 148 -6.37 -9.18 -4.66
CA ASN A 148 -6.30 -9.04 -6.13
C ASN A 148 -6.25 -7.51 -6.37
N ARG A 149 -6.33 -7.05 -7.62
CA ARG A 149 -6.22 -5.58 -7.88
C ARG A 149 -7.33 -4.82 -7.18
N ALA A 150 -8.58 -5.30 -7.24
CA ALA A 150 -9.68 -4.56 -6.65
C ALA A 150 -9.54 -4.42 -5.11
N TYR A 151 -9.14 -5.49 -4.41
CA TYR A 151 -8.98 -5.41 -2.94
C TYR A 151 -7.70 -4.63 -2.64
N ALA A 152 -6.65 -4.82 -3.44
CA ALA A 152 -5.39 -4.04 -3.21
C ALA A 152 -5.64 -2.54 -3.22
N LEU A 153 -6.48 -2.07 -4.15
CA LEU A 153 -6.86 -0.64 -4.23
C LEU A 153 -7.87 -0.19 -3.18
N LYS A 154 -8.77 -1.09 -2.77
CA LYS A 154 -9.81 -0.70 -1.83
C LYS A 154 -9.27 -0.65 -0.41
N ILE A 155 -8.45 -1.62 -0.06
CA ILE A 155 -7.93 -1.68 1.28
C ILE A 155 -6.41 -1.75 1.20
N TYR A 156 -5.81 -0.59 0.93
CA TYR A 156 -4.35 -0.44 0.73
C TYR A 156 -3.50 -0.46 2.03
N HIS A 157 -4.08 -0.14 3.20
CA HIS A 157 -3.22 0.22 4.32
C HIS A 157 -2.52 -0.97 4.95
N TRP A 158 -3.10 -2.16 4.76
CA TRP A 158 -2.50 -3.44 5.22
C TRP A 158 -1.10 -3.58 4.62
N SER A 159 -0.94 -3.30 3.34
CA SER A 159 0.36 -3.40 2.72
C SER A 159 1.28 -2.20 2.92
N PHE A 160 0.69 -1.02 3.08
CA PHE A 160 1.43 0.20 3.34
C PHE A 160 2.09 0.20 4.75
N LEU A 161 1.32 -0.06 5.80
CA LEU A 161 1.79 -0.01 7.15
C LEU A 161 2.69 -1.18 7.46
N ALA A 162 2.60 -2.21 6.63
CA ALA A 162 3.49 -3.35 6.70
C ALA A 162 4.88 -3.24 6.04
N GLN A 163 5.16 -2.17 5.29
CA GLN A 163 6.50 -1.92 4.80
C GLN A 163 7.56 -1.81 5.92
N PRO A 164 8.81 -2.21 5.64
CA PRO A 164 9.84 -2.15 6.68
C PRO A 164 9.99 -0.77 7.29
N ALA A 165 10.15 -0.75 8.60
CA ALA A 165 10.52 0.52 9.33
C ALA A 165 11.79 1.07 8.70
N PRO A 166 11.90 2.41 8.61
CA PRO A 166 11.01 3.45 9.12
C PRO A 166 10.12 4.11 8.04
N LEU A 167 9.78 3.42 6.95
CA LEU A 167 9.02 4.07 5.82
C LEU A 167 7.64 4.60 6.25
N PRO A 168 6.79 3.74 6.85
CA PRO A 168 5.44 4.29 7.14
C PRO A 168 5.53 5.32 8.26
N GLU A 169 6.44 5.04 9.22
CA GLU A 169 6.63 5.94 10.38
C GLU A 169 7.03 7.33 9.88
N ASN A 170 7.92 7.41 8.91
N ASN A 170 7.95 7.40 8.92
CA ASN A 170 8.38 8.72 8.45
CA ASN A 170 8.46 8.68 8.39
C ASN A 170 7.32 9.48 7.67
C ASN A 170 7.34 9.45 7.69
N LEU A 171 6.55 8.76 6.87
CA LEU A 171 5.45 9.32 6.15
C LEU A 171 4.34 9.87 7.07
N LEU A 172 4.07 9.19 8.17
CA LEU A 172 3.00 9.55 9.06
C LEU A 172 3.38 10.72 10.01
N GLY A 173 4.66 11.00 10.19
CA GLY A 173 5.14 12.03 11.14
C GLY A 173 4.94 13.47 10.73
N GLY A 174 4.64 13.73 9.46
CA GLY A 174 4.48 15.15 9.02
C GLY A 174 3.20 15.81 9.51
N ASP A 175 2.10 15.04 9.45
CA ASP A 175 0.75 15.56 9.66
C ASP A 175 -0.11 14.39 10.16
N PRO A 176 0.25 13.83 11.35
CA PRO A 176 -0.46 12.72 11.89
C PRO A 176 -1.98 12.92 12.10
N ASP A 177 -2.45 14.10 12.54
CA ASP A 177 -3.89 14.35 12.70
C ASP A 177 -4.71 14.08 11.41
N PHE A 178 -4.21 14.59 10.30
CA PHE A 178 -4.90 14.47 9.02
C PHE A 178 -5.10 12.98 8.62
N TYR A 179 -4.06 12.15 8.84
CA TYR A 179 -4.17 10.70 8.49
C TYR A 179 -5.18 9.97 9.38
N VAL A 180 -5.07 10.15 10.68
CA VAL A 180 -6.00 9.47 11.57
C VAL A 180 -7.44 9.92 11.35
N LYS A 181 -7.67 11.23 11.14
CA LYS A 181 -9.05 11.70 10.91
C LYS A 181 -9.68 11.25 9.57
N ALA A 182 -8.84 11.15 8.55
CA ALA A 182 -9.22 10.67 7.24
C ALA A 182 -9.61 9.19 7.27
N LYS A 183 -8.87 8.40 8.05
CA LYS A 183 -9.19 6.96 8.19
C LYS A 183 -10.53 6.75 8.91
N LEU A 184 -10.71 7.45 10.02
CA LEU A 184 -11.94 7.37 10.77
C LEU A 184 -13.13 7.69 9.90
N ALA A 185 -13.06 8.82 9.17
CA ALA A 185 -14.18 9.25 8.35
C ALA A 185 -14.45 8.23 7.23
N SER A 186 -13.39 7.85 6.55
N SER A 186 -13.36 7.83 6.60
CA SER A 186 -13.51 7.05 5.31
CA SER A 186 -13.36 7.02 5.38
C SER A 186 -14.24 5.74 5.54
C SER A 186 -14.09 5.70 5.50
N TRP A 187 -14.00 5.10 6.68
CA TRP A 187 -14.60 3.79 6.93
C TRP A 187 -16.06 3.79 7.46
N THR A 188 -16.59 4.99 7.74
CA THR A 188 -17.99 5.10 8.17
C THR A 188 -18.94 5.05 6.96
N ARG A 189 -20.24 4.82 7.23
CA ARG A 189 -21.27 4.79 6.20
C ARG A 189 -21.26 6.14 5.46
N ALA A 190 -21.31 7.26 6.16
CA ALA A 190 -21.46 8.57 5.45
C ALA A 190 -20.15 9.15 4.94
N GLY A 191 -18.99 8.62 5.37
CA GLY A 191 -17.69 9.09 4.90
C GLY A 191 -17.19 10.36 5.58
N ASP A 192 -17.76 10.67 6.73
CA ASP A 192 -17.42 11.86 7.51
C ASP A 192 -17.27 11.47 9.00
N LEU A 193 -17.05 12.44 9.88
CA LEU A 193 -16.84 12.16 11.33
C LEU A 193 -18.11 12.27 12.17
N SER A 194 -19.27 12.33 11.50
CA SER A 194 -20.57 12.63 12.17
C SER A 194 -20.99 11.53 13.13
N ALA A 195 -20.60 10.29 12.87
CA ALA A 195 -20.96 9.23 13.77
C ALA A 195 -20.25 9.25 15.08
N PHE A 196 -19.11 9.93 15.19
CA PHE A 196 -18.30 9.81 16.43
C PHE A 196 -18.57 10.94 17.37
N ASP A 197 -18.57 10.66 18.66
CA ASP A 197 -18.55 11.74 19.68
C ASP A 197 -17.21 12.49 19.56
N PRO A 198 -17.23 13.84 19.46
CA PRO A 198 -15.98 14.51 19.30
C PRO A 198 -14.98 14.30 20.44
N ARG A 199 -15.46 14.01 21.66
CA ARG A 199 -14.52 13.72 22.74
C ARG A 199 -13.89 12.33 22.54
N ALA A 200 -14.57 11.40 21.90
CA ALA A 200 -13.92 10.13 21.50
C ALA A 200 -12.89 10.36 20.39
N VAL A 201 -13.18 11.25 19.42
CA VAL A 201 -12.21 11.57 18.36
C VAL A 201 -10.91 12.13 18.96
N GLU A 202 -11.05 13.00 19.95
CA GLU A 202 -9.88 13.53 20.64
C GLU A 202 -9.01 12.47 21.34
N HIS A 203 -9.62 11.49 21.98
CA HIS A 203 -8.83 10.32 22.48
C HIS A 203 -7.96 9.70 21.34
N TYR A 204 -8.59 9.39 20.21
CA TYR A 204 -7.89 8.68 19.07
C TYR A 204 -6.75 9.54 18.53
N ARG A 205 -7.03 10.84 18.41
CA ARG A 205 -6.08 11.81 17.83
C ARG A 205 -4.85 11.98 18.74
N ILE A 206 -5.04 12.08 20.07
CA ILE A 206 -3.94 12.20 21.06
C ILE A 206 -3.02 10.95 21.10
N ALA A 207 -3.63 9.75 21.09
CA ALA A 207 -2.90 8.51 20.93
C ALA A 207 -2.12 8.53 19.63
N PHE A 208 -2.73 8.87 18.50
CA PHE A 208 -2.07 8.88 17.19
C PHE A 208 -0.94 9.93 17.03
N ALA A 209 -0.96 10.95 17.89
CA ALA A 209 0.05 12.03 17.90
C ALA A 209 1.41 11.65 18.53
N ASP A 210 1.44 10.51 19.22
CA ASP A 210 2.65 10.00 19.83
C ASP A 210 3.38 9.05 18.83
N PRO A 211 4.62 9.43 18.36
CA PRO A 211 5.43 8.57 17.43
C PRO A 211 5.61 7.13 17.91
N MET A 212 5.74 6.94 19.22
N MET A 212 5.76 6.92 19.21
CA MET A 212 5.83 5.56 19.76
CA MET A 212 5.87 5.53 19.72
C MET A 212 4.56 4.76 19.57
C MET A 212 4.55 4.74 19.58
N ARG A 213 3.42 5.42 19.70
CA ARG A 213 2.09 4.73 19.55
C ARG A 213 1.93 4.41 18.07
N ARG A 214 2.32 5.34 17.20
CA ARG A 214 2.27 5.01 15.75
C ARG A 214 3.18 3.82 15.37
N HIS A 215 4.39 3.74 15.94
CA HIS A 215 5.27 2.62 15.64
C HIS A 215 4.58 1.28 15.99
N VAL A 216 3.97 1.20 17.17
CA VAL A 216 3.19 0.00 17.60
C VAL A 216 2.14 -0.41 16.56
N MET A 217 1.42 0.57 15.98
CA MET A 217 0.38 0.28 15.00
C MET A 217 1.02 -0.32 13.72
N CYS A 218 2.14 0.24 13.30
CA CYS A 218 2.88 -0.38 12.17
C CYS A 218 3.40 -1.78 12.49
N GLU A 219 3.92 -2.01 13.69
CA GLU A 219 4.31 -3.37 14.09
C GLU A 219 3.13 -4.35 14.09
N ASP A 220 1.96 -3.87 14.52
CA ASP A 220 0.72 -4.63 14.49
C ASP A 220 0.37 -5.07 13.06
N TYR A 221 0.49 -4.14 12.14
CA TYR A 221 0.24 -4.46 10.73
C TYR A 221 1.34 -5.31 10.07
N ARG A 222 2.59 -5.17 10.54
CA ARG A 222 3.69 -6.05 10.09
C ARG A 222 3.41 -7.49 10.53
N ALA A 223 3.05 -7.65 11.80
CA ALA A 223 2.61 -8.94 12.30
C ALA A 223 1.45 -9.50 11.47
N GLY A 224 0.47 -8.63 11.15
CA GLY A 224 -0.66 -8.91 10.29
C GLY A 224 -0.26 -9.49 8.91
N ALA A 225 0.85 -9.05 8.36
CA ALA A 225 1.29 -9.48 7.01
C ALA A 225 2.15 -10.76 7.05
N TYR A 226 2.73 -11.04 8.20
CA TYR A 226 3.80 -12.08 8.34
C TYR A 226 3.37 -13.13 9.37
N ALA A 227 3.82 -13.08 10.63
CA ALA A 227 3.47 -14.16 11.57
C ALA A 227 1.99 -14.46 11.75
N ASP A 228 1.13 -13.45 11.90
CA ASP A 228 -0.33 -13.71 12.06
C ASP A 228 -0.90 -14.54 10.90
N PHE A 229 -0.51 -14.16 9.69
CA PHE A 229 -0.92 -14.86 8.50
C PHE A 229 -0.46 -16.35 8.54
N GLU A 230 0.81 -16.59 8.96
CA GLU A 230 1.34 -17.95 9.00
C GLU A 230 0.62 -18.73 10.08
N HIS A 231 0.36 -18.13 11.21
CA HIS A 231 -0.40 -18.85 12.26
C HIS A 231 -1.80 -19.29 11.78
N ASP A 232 -2.54 -18.40 11.11
CA ASP A 232 -3.82 -18.70 10.52
C ASP A 232 -3.69 -19.81 9.46
N LYS A 233 -2.66 -19.70 8.60
CA LYS A 233 -2.47 -20.68 7.50
C LYS A 233 -2.34 -22.10 8.07
N ILE A 234 -1.55 -22.25 9.13
CA ILE A 234 -1.41 -23.54 9.79
C ILE A 234 -2.77 -24.12 10.12
N ASP A 235 -3.59 -23.30 10.78
CA ASP A 235 -4.88 -23.73 11.22
C ASP A 235 -5.78 -24.10 10.05
N VAL A 236 -5.83 -23.28 9.01
CA VAL A 236 -6.80 -23.57 7.90
C VAL A 236 -6.33 -24.81 7.14
N GLU A 237 -5.01 -24.93 6.95
CA GLU A 237 -4.44 -26.13 6.26
C GLU A 237 -4.65 -27.39 7.10
N ALA A 238 -4.71 -27.29 8.43
CA ALA A 238 -4.97 -28.44 9.23
C ALA A 238 -6.47 -28.70 9.43
N GLY A 239 -7.32 -27.77 9.00
CA GLY A 239 -8.77 -27.89 9.18
C GLY A 239 -9.27 -27.64 10.59
N ASN A 240 -8.55 -26.82 11.34
CA ASN A 240 -8.95 -26.57 12.73
C ASN A 240 -10.06 -25.51 12.75
N LYS A 241 -11.13 -25.77 13.48
CA LYS A 241 -12.23 -24.83 13.61
C LYS A 241 -12.41 -24.46 15.08
N ILE A 242 -12.78 -23.21 15.35
CA ILE A 242 -13.11 -22.79 16.72
C ILE A 242 -14.38 -23.53 17.18
N PRO A 243 -14.38 -24.15 18.37
CA PRO A 243 -15.58 -24.78 18.88
C PRO A 243 -16.39 -23.90 19.79
N VAL A 244 -15.84 -22.76 20.24
CA VAL A 244 -16.55 -21.82 21.13
C VAL A 244 -17.79 -21.28 20.37
N PRO A 245 -18.97 -21.23 21.00
CA PRO A 245 -20.09 -20.64 20.25
C PRO A 245 -19.73 -19.18 19.89
N MET A 246 -19.97 -18.83 18.64
CA MET A 246 -19.50 -17.55 18.09
C MET A 246 -20.63 -16.74 17.40
N LEU A 247 -20.52 -15.41 17.49
CA LEU A 247 -21.29 -14.45 16.64
C LEU A 247 -20.39 -13.61 15.76
N ALA A 248 -20.74 -13.54 14.50
CA ALA A 248 -20.10 -12.61 13.55
C ALA A 248 -21.10 -11.50 13.24
N LEU A 249 -20.80 -10.25 13.61
CA LEU A 249 -21.60 -9.10 13.25
C LEU A 249 -20.78 -8.30 12.28
N TRP A 250 -21.38 -7.86 11.16
CA TRP A 250 -20.63 -7.00 10.23
C TRP A 250 -21.47 -5.81 9.71
N GLY A 251 -20.80 -4.78 9.22
CA GLY A 251 -21.51 -3.64 8.65
C GLY A 251 -21.86 -3.88 7.19
N ALA A 252 -23.10 -3.57 6.77
CA ALA A 252 -23.48 -3.65 5.34
C ALA A 252 -22.54 -2.81 4.46
N SER A 253 -22.01 -1.71 4.99
CA SER A 253 -21.01 -0.92 4.29
C SER A 253 -19.60 -0.97 4.91
N GLY A 254 -19.28 -2.03 5.61
CA GLY A 254 -18.00 -2.16 6.31
C GLY A 254 -16.86 -2.65 5.41
N ILE A 255 -15.80 -3.15 6.08
CA ILE A 255 -14.61 -3.76 5.40
C ILE A 255 -14.64 -5.31 5.14
N ALA A 256 -15.22 -6.07 6.07
CA ALA A 256 -15.38 -7.53 5.93
C ALA A 256 -16.25 -7.91 4.73
N THR A 261 -20.75 -13.95 1.73
CA THR A 261 -21.05 -13.25 2.97
C THR A 261 -20.09 -13.67 4.05
N PRO A 262 -19.87 -12.78 5.02
CA PRO A 262 -18.95 -13.08 6.10
C PRO A 262 -19.33 -14.31 6.90
N LEU A 263 -20.63 -14.53 7.09
CA LEU A 263 -21.07 -15.70 7.84
C LEU A 263 -20.63 -16.98 7.14
N ASP A 264 -20.75 -17.04 5.81
CA ASP A 264 -20.26 -18.21 5.09
C ASP A 264 -18.73 -18.41 5.26
N VAL A 265 -17.97 -17.32 5.37
CA VAL A 265 -16.48 -17.44 5.53
C VAL A 265 -16.20 -18.00 6.91
N TRP A 266 -16.89 -17.43 7.91
CA TRP A 266 -16.70 -17.86 9.30
C TRP A 266 -17.09 -19.33 9.56
N ARG A 267 -18.05 -19.86 8.79
CA ARG A 267 -18.47 -21.27 8.90
C ARG A 267 -17.32 -22.23 8.57
N LYS A 268 -16.37 -21.78 7.73
CA LYS A 268 -15.15 -22.54 7.50
C LYS A 268 -14.20 -22.56 8.67
N TRP A 269 -14.34 -21.61 9.60
CA TRP A 269 -13.37 -21.37 10.69
C TRP A 269 -13.93 -21.77 12.07
N ALA A 270 -15.22 -22.05 12.10
CA ALA A 270 -15.91 -22.22 13.38
C ALA A 270 -17.10 -23.16 13.28
N SER A 271 -17.20 -24.10 14.20
CA SER A 271 -18.22 -25.13 14.13
C SER A 271 -19.58 -24.73 14.65
N ASP A 272 -19.67 -23.62 15.40
CA ASP A 272 -20.96 -23.15 15.96
C ASP A 272 -21.07 -21.62 15.87
N VAL A 273 -21.41 -21.13 14.68
CA VAL A 273 -21.43 -19.69 14.44
C VAL A 273 -22.79 -19.19 13.96
N GLN A 274 -23.17 -17.99 14.44
CA GLN A 274 -24.35 -17.31 13.92
C GLN A 274 -23.88 -15.92 13.51
N GLY A 275 -24.67 -15.23 12.72
CA GLY A 275 -24.32 -13.83 12.41
C GLY A 275 -25.41 -13.05 11.75
N ALA A 276 -25.18 -11.73 11.64
CA ALA A 276 -26.06 -10.81 10.97
C ALA A 276 -25.33 -9.57 10.53
N PRO A 277 -25.74 -8.99 9.39
CA PRO A 277 -25.37 -7.63 9.13
C PRO A 277 -26.16 -6.58 9.94
N ILE A 278 -25.55 -5.39 10.04
CA ILE A 278 -26.21 -4.18 10.53
C ILE A 278 -25.89 -3.04 9.58
N GLU A 279 -26.89 -2.18 9.37
CA GLU A 279 -26.74 -1.00 8.53
C GLU A 279 -25.74 -0.01 9.15
N SER A 280 -24.52 -0.04 8.64
CA SER A 280 -23.38 0.67 9.26
C SER A 280 -22.17 0.58 8.37
N GLY A 281 -21.25 1.50 8.57
CA GLY A 281 -19.88 1.27 8.13
C GLY A 281 -19.15 0.33 9.08
N HIS A 282 -17.83 0.46 9.14
CA HIS A 282 -16.91 -0.40 9.94
C HIS A 282 -17.10 -0.29 11.45
N PHE A 283 -17.41 0.94 11.89
CA PHE A 283 -17.37 1.28 13.32
C PHE A 283 -18.71 1.00 14.02
N LEU A 284 -19.08 -0.28 14.08
CA LEU A 284 -20.43 -0.70 14.51
C LEU A 284 -20.82 -0.08 15.87
N PRO A 285 -19.91 -0.14 16.85
CA PRO A 285 -20.35 0.32 18.22
C PRO A 285 -20.61 1.82 18.38
N GLU A 286 -20.09 2.60 17.47
CA GLU A 286 -20.32 4.09 17.40
C GLU A 286 -21.37 4.53 16.34
N GLU A 287 -21.35 3.89 15.18
CA GLU A 287 -22.34 4.16 14.14
C GLU A 287 -23.75 3.56 14.41
N ALA A 288 -23.82 2.42 15.09
CA ALA A 288 -25.09 1.69 15.34
C ALA A 288 -25.08 1.11 16.75
N PRO A 289 -25.01 1.98 17.76
CA PRO A 289 -24.87 1.54 19.14
C PRO A 289 -26.04 0.74 19.70
N ASP A 290 -27.27 1.16 19.43
CA ASP A 290 -28.42 0.47 20.04
C ASP A 290 -28.51 -0.95 19.48
N GLN A 291 -28.40 -1.03 18.16
CA GLN A 291 -28.43 -2.32 17.52
C GLN A 291 -27.24 -3.26 17.90
N THR A 292 -26.03 -2.70 18.02
CA THR A 292 -24.87 -3.49 18.37
C THR A 292 -24.99 -3.95 19.84
N ALA A 293 -25.39 -3.06 20.73
CA ALA A 293 -25.55 -3.42 22.14
C ALA A 293 -26.58 -4.51 22.30
N GLU A 294 -27.70 -4.36 21.58
CA GLU A 294 -28.75 -5.38 21.66
C GLU A 294 -28.32 -6.74 21.12
N ALA A 295 -27.63 -6.76 19.98
CA ALA A 295 -27.17 -8.04 19.42
C ALA A 295 -26.20 -8.76 20.38
N LEU A 296 -25.30 -8.02 21.02
CA LEU A 296 -24.35 -8.58 21.99
C LEU A 296 -25.04 -9.06 23.30
N VAL A 297 -25.89 -8.22 23.89
CA VAL A 297 -26.59 -8.62 25.13
C VAL A 297 -27.37 -9.90 24.90
N ARG A 298 -28.13 -9.95 23.79
CA ARG A 298 -28.86 -11.18 23.42
C ARG A 298 -28.02 -12.44 23.18
N PHE A 299 -26.93 -12.30 22.44
CA PHE A 299 -26.04 -13.42 22.22
C PHE A 299 -25.39 -13.93 23.55
N PHE A 300 -24.88 -13.01 24.36
CA PHE A 300 -24.10 -13.42 25.58
C PHE A 300 -25.02 -13.88 26.72
N SER A 301 -26.30 -13.47 26.67
CA SER A 301 -27.30 -13.87 27.69
C SER A 301 -27.99 -15.16 27.30
N ALA A 302 -28.05 -15.48 26.01
CA ALA A 302 -28.68 -16.69 25.57
C ALA A 302 -27.70 -17.83 25.83
N LEU B 6 22.86 22.43 -10.16
CA LEU B 6 22.62 21.13 -10.87
C LEU B 6 23.62 20.90 -12.02
N ALA B 7 24.23 19.70 -12.04
CA ALA B 7 25.34 19.36 -12.98
C ALA B 7 24.92 19.01 -14.43
N ASP B 8 25.71 19.46 -15.41
CA ASP B 8 25.60 18.99 -16.80
C ASP B 8 26.26 17.62 -16.96
N LEU B 9 25.45 16.54 -16.95
CA LEU B 9 25.99 15.16 -17.04
C LEU B 9 25.98 14.59 -18.48
N PHE B 10 25.77 15.45 -19.48
CA PHE B 10 25.72 14.99 -20.88
C PHE B 10 26.72 15.83 -21.75
N PRO B 11 28.01 15.48 -21.72
CA PRO B 11 29.01 16.18 -22.53
C PRO B 11 28.67 16.14 -24.02
N GLY B 12 28.62 17.30 -24.64
CA GLY B 12 28.43 17.41 -26.11
C GLY B 12 27.02 17.06 -26.58
N PHE B 13 26.02 17.34 -25.74
CA PHE B 13 24.61 17.21 -26.06
C PHE B 13 24.03 18.60 -25.92
N GLY B 14 23.13 18.94 -26.82
CA GLY B 14 22.33 20.14 -26.70
C GLY B 14 21.16 20.04 -25.72
N SER B 15 20.44 21.15 -25.52
CA SER B 15 19.27 21.19 -24.63
C SER B 15 18.16 21.84 -25.43
N GLU B 16 16.99 21.19 -25.48
CA GLU B 16 15.88 21.59 -26.34
C GLU B 16 14.55 21.49 -25.62
N TRP B 17 13.72 22.48 -25.88
CA TRP B 17 12.35 22.55 -25.44
C TRP B 17 11.47 22.30 -26.68
N ILE B 18 10.77 21.17 -26.71
CA ILE B 18 9.97 20.81 -27.89
C ILE B 18 8.48 21.06 -27.66
N ASN B 19 7.86 21.83 -28.55
CA ASN B 19 6.41 22.19 -28.41
C ASN B 19 5.50 21.04 -28.83
N THR B 20 4.37 20.91 -28.13
CA THR B 20 3.30 20.00 -28.51
C THR B 20 1.96 20.60 -28.10
N SER B 21 0.88 20.05 -28.65
CA SER B 21 -0.46 20.47 -28.29
C SER B 21 -0.77 20.39 -26.76
N SER B 22 -0.03 19.57 -26.01
CA SER B 22 -0.34 19.41 -24.56
C SER B 22 0.70 20.07 -23.65
N GLY B 23 1.72 20.71 -24.23
CA GLY B 23 2.84 21.26 -23.48
C GLY B 23 4.21 20.87 -24.02
N ARG B 24 5.25 21.54 -23.52
CA ARG B 24 6.61 21.33 -23.90
C ARG B 24 7.21 20.10 -23.27
N ILE B 25 8.01 19.38 -24.08
CA ILE B 25 8.85 18.28 -23.62
C ILE B 25 10.31 18.75 -23.58
N PHE B 26 10.97 18.62 -22.44
CA PHE B 26 12.43 18.90 -22.38
C PHE B 26 13.23 17.70 -22.83
N ALA B 27 14.35 17.91 -23.51
CA ALA B 27 15.28 16.85 -23.91
C ALA B 27 16.76 17.31 -24.07
N ARG B 28 17.66 16.42 -23.74
CA ARG B 28 19.04 16.54 -24.15
C ARG B 28 19.16 15.78 -25.48
N VAL B 29 19.87 16.35 -26.45
CA VAL B 29 19.96 15.77 -27.81
C VAL B 29 21.41 15.74 -28.23
N GLY B 30 21.93 14.58 -28.62
CA GLY B 30 23.30 14.52 -29.11
C GLY B 30 23.51 13.40 -30.13
N GLY B 31 24.64 13.42 -30.84
CA GLY B 31 24.95 12.35 -31.78
C GLY B 31 24.39 12.59 -33.18
N ASP B 32 24.67 11.64 -34.06
CA ASP B 32 24.14 11.67 -35.44
C ASP B 32 23.81 10.27 -35.89
N GLY B 33 23.08 10.16 -36.98
CA GLY B 33 22.69 8.81 -37.47
C GLY B 33 21.21 8.51 -37.18
N PRO B 34 20.81 7.24 -37.17
CA PRO B 34 19.39 6.95 -36.97
C PRO B 34 18.89 7.49 -35.61
N PRO B 35 17.64 7.99 -35.55
CA PRO B 35 17.07 8.52 -34.29
C PRO B 35 16.63 7.47 -33.25
N LEU B 36 16.97 7.76 -31.99
CA LEU B 36 16.73 6.89 -30.89
C LEU B 36 16.26 7.76 -29.70
N LEU B 37 15.03 7.48 -29.23
CA LEU B 37 14.44 8.19 -28.13
C LEU B 37 14.62 7.30 -26.87
N LEU B 38 14.99 7.92 -25.75
CA LEU B 38 15.25 7.23 -24.44
C LEU B 38 14.30 7.85 -23.36
N LEU B 39 13.51 6.99 -22.69
CA LEU B 39 12.49 7.46 -21.73
C LEU B 39 12.70 6.87 -20.35
N HIS B 40 12.90 7.74 -19.37
CA HIS B 40 13.01 7.41 -17.92
C HIS B 40 11.67 7.04 -17.27
N GLY B 41 11.70 6.74 -15.95
CA GLY B 41 10.48 6.48 -15.20
C GLY B 41 10.65 7.09 -13.80
N PHE B 42 9.99 6.47 -12.86
CA PHE B 42 9.83 6.98 -11.46
C PHE B 42 10.87 6.35 -10.52
N PRO B 43 11.47 7.15 -9.62
CA PRO B 43 11.29 8.60 -9.39
C PRO B 43 12.46 9.40 -9.94
N GLN B 44 12.58 9.42 -11.25
CA GLN B 44 13.84 9.90 -11.89
C GLN B 44 13.48 10.89 -12.96
N THR B 45 14.47 11.28 -13.74
CA THR B 45 14.32 12.19 -14.85
C THR B 45 15.23 11.66 -15.97
N HIS B 46 15.32 12.39 -17.07
CA HIS B 46 16.14 12.00 -18.20
C HIS B 46 17.61 11.75 -17.83
N VAL B 47 18.05 12.38 -16.73
CA VAL B 47 19.43 12.26 -16.22
C VAL B 47 19.87 10.80 -16.00
N MET B 48 18.90 9.89 -15.81
CA MET B 48 19.22 8.48 -15.50
C MET B 48 19.86 7.72 -16.64
N TRP B 49 19.79 8.26 -17.84
CA TRP B 49 20.57 7.74 -18.96
C TRP B 49 21.98 8.33 -19.11
N HIS B 50 22.48 9.11 -18.16
CA HIS B 50 23.80 9.78 -18.39
C HIS B 50 25.00 8.86 -18.62
N ARG B 51 24.97 7.64 -18.10
CA ARG B 51 26.09 6.74 -18.31
C ARG B 51 25.99 5.88 -19.58
N VAL B 52 24.81 5.76 -20.19
CA VAL B 52 24.71 4.95 -21.40
C VAL B 52 24.48 5.79 -22.67
N ALA B 53 23.94 6.99 -22.55
CA ALA B 53 23.66 7.83 -23.71
C ALA B 53 24.96 8.14 -24.54
N PRO B 54 26.09 8.44 -23.88
CA PRO B 54 27.36 8.65 -24.63
C PRO B 54 27.74 7.52 -25.59
N LYS B 55 27.72 6.29 -25.12
CA LYS B 55 28.01 5.16 -25.96
C LYS B 55 26.97 5.01 -27.10
N LEU B 56 25.70 5.25 -26.79
CA LEU B 56 24.65 5.21 -27.79
C LEU B 56 24.82 6.32 -28.83
N ALA B 57 25.28 7.48 -28.42
CA ALA B 57 25.49 8.62 -29.29
C ALA B 57 26.68 8.47 -30.24
N GLU B 58 27.51 7.45 -30.01
CA GLU B 58 28.59 7.11 -30.97
C GLU B 58 27.96 6.65 -32.28
N ARG B 59 26.75 6.12 -32.23
CA ARG B 59 26.15 5.57 -33.42
C ARG B 59 24.79 6.10 -33.80
N PHE B 60 24.14 6.85 -32.94
CA PHE B 60 22.75 7.26 -33.19
C PHE B 60 22.60 8.68 -32.80
N LYS B 61 21.52 9.29 -33.28
CA LYS B 61 21.06 10.59 -32.83
C LYS B 61 20.14 10.32 -31.62
N VAL B 62 20.57 10.75 -30.43
CA VAL B 62 19.99 10.32 -29.17
C VAL B 62 19.19 11.46 -28.56
N ILE B 63 17.89 11.23 -28.34
CA ILE B 63 16.97 12.18 -27.74
C ILE B 63 16.62 11.66 -26.32
N VAL B 64 16.97 12.43 -25.30
CA VAL B 64 16.82 12.00 -23.90
C VAL B 64 15.79 12.91 -23.25
N ALA B 65 14.55 12.43 -23.19
CA ALA B 65 13.40 13.23 -22.92
C ALA B 65 12.86 13.06 -21.52
N ASP B 66 12.45 14.18 -20.91
CA ASP B 66 11.61 14.15 -19.71
C ASP B 66 10.17 13.78 -20.12
N LEU B 67 9.59 12.80 -19.41
CA LEU B 67 8.19 12.41 -19.65
C LEU B 67 7.27 13.59 -19.40
N PRO B 68 6.10 13.62 -20.06
CA PRO B 68 5.09 14.64 -19.76
C PRO B 68 4.89 14.81 -18.25
N GLY B 69 5.01 16.04 -17.77
CA GLY B 69 4.85 16.31 -16.31
C GLY B 69 6.03 16.03 -15.41
N TYR B 70 7.09 15.41 -15.91
CA TYR B 70 8.24 15.09 -15.06
C TYR B 70 9.40 16.00 -15.42
N GLY B 71 10.33 16.20 -14.49
CA GLY B 71 11.61 16.91 -14.74
C GLY B 71 11.38 18.34 -15.19
N TRP B 72 11.81 18.70 -16.39
CA TRP B 72 11.54 20.07 -16.85
C TRP B 72 10.46 20.17 -17.92
N SER B 73 9.86 19.04 -18.31
CA SER B 73 8.67 19.07 -19.18
C SER B 73 7.51 19.78 -18.49
N ASP B 74 6.66 20.44 -19.27
CA ASP B 74 5.51 21.09 -18.69
C ASP B 74 4.57 20.01 -18.13
N MET B 75 3.67 20.45 -17.24
CA MET B 75 2.64 19.62 -16.59
C MET B 75 1.24 19.97 -17.15
N PRO B 76 0.72 19.17 -18.10
CA PRO B 76 -0.64 19.44 -18.49
C PRO B 76 -1.63 19.26 -17.34
N GLU B 77 -2.74 19.99 -17.38
CA GLU B 77 -3.83 19.84 -16.42
C GLU B 77 -4.45 18.47 -16.55
N SER B 78 -4.66 17.84 -15.40
CA SER B 78 -5.24 16.50 -15.37
C SER B 78 -6.79 16.64 -15.26
N ASP B 79 -7.45 15.52 -15.16
CA ASP B 79 -8.91 15.45 -15.03
C ASP B 79 -9.28 14.19 -14.21
N GLU B 80 -10.57 13.87 -14.11
CA GLU B 80 -11.01 12.80 -13.20
C GLU B 80 -10.59 11.39 -13.65
N GLN B 81 -10.25 11.22 -14.94
CA GLN B 81 -9.74 9.93 -15.43
C GLN B 81 -8.20 9.95 -15.66
N HIS B 82 -7.51 10.99 -15.13
CA HIS B 82 -6.06 11.09 -15.15
C HIS B 82 -5.48 11.06 -16.57
N THR B 83 -6.29 11.55 -17.53
CA THR B 83 -6.06 11.30 -18.95
C THR B 83 -4.63 11.65 -19.43
N PRO B 84 -4.14 12.88 -19.14
CA PRO B 84 -2.83 13.22 -19.71
C PRO B 84 -1.64 12.42 -19.15
N TYR B 85 -1.86 11.71 -18.04
CA TYR B 85 -0.83 10.83 -17.44
C TYR B 85 -1.08 9.36 -17.70
N THR B 86 -2.10 9.04 -18.54
CA THR B 86 -2.22 7.68 -19.12
C THR B 86 -1.11 7.46 -20.13
N LYS B 87 -0.72 6.20 -20.33
CA LYS B 87 0.42 5.88 -21.16
C LYS B 87 0.03 6.12 -22.62
N ARG B 88 -1.26 5.91 -22.92
CA ARG B 88 -1.80 6.21 -24.25
C ARG B 88 -1.60 7.68 -24.59
N ALA B 89 -1.95 8.58 -23.68
CA ALA B 89 -1.80 10.02 -23.89
C ALA B 89 -0.33 10.46 -23.91
N MET B 90 0.46 9.93 -22.99
CA MET B 90 1.87 10.27 -22.99
C MET B 90 2.55 9.89 -24.31
N ALA B 91 2.20 8.72 -24.83
CA ALA B 91 2.76 8.27 -26.08
C ALA B 91 2.33 9.19 -27.25
N LYS B 92 1.06 9.64 -27.24
CA LYS B 92 0.60 10.54 -28.30
C LYS B 92 1.37 11.84 -28.26
N GLN B 93 1.65 12.30 -27.04
CA GLN B 93 2.38 13.58 -26.86
C GLN B 93 3.85 13.50 -27.31
N LEU B 94 4.52 12.43 -26.94
CA LEU B 94 5.89 12.13 -27.41
C LEU B 94 5.95 11.89 -28.94
N ILE B 95 4.94 11.23 -29.52
CA ILE B 95 4.81 11.13 -31.00
C ILE B 95 4.78 12.53 -31.62
N GLU B 96 3.97 13.45 -31.06
CA GLU B 96 3.95 14.86 -31.54
C GLU B 96 5.32 15.55 -31.42
N ALA B 97 5.92 15.43 -30.24
CA ALA B 97 7.31 15.95 -30.02
C ALA B 97 8.28 15.40 -31.08
N MET B 98 8.33 14.07 -31.30
CA MET B 98 9.21 13.56 -32.33
C MET B 98 8.91 14.16 -33.76
N GLU B 99 7.64 14.36 -34.07
CA GLU B 99 7.28 15.03 -35.34
C GLU B 99 7.83 16.47 -35.46
N GLN B 100 7.99 17.19 -34.35
CA GLN B 100 8.53 18.54 -34.38
C GLN B 100 9.99 18.51 -34.83
N LEU B 101 10.69 17.40 -34.58
CA LEU B 101 12.05 17.17 -35.04
C LEU B 101 12.14 16.43 -36.40
N GLY B 102 11.01 16.19 -37.06
CA GLY B 102 11.01 15.38 -38.28
C GLY B 102 11.23 13.89 -38.16
N HIS B 103 10.95 13.34 -36.99
CA HIS B 103 11.13 11.93 -36.77
C HIS B 103 9.77 11.26 -36.67
N VAL B 104 9.41 10.52 -37.73
CA VAL B 104 8.17 9.74 -37.76
C VAL B 104 8.34 8.25 -37.76
N HIS B 105 9.60 7.75 -37.73
CA HIS B 105 9.91 6.36 -37.57
C HIS B 105 11.28 6.31 -36.83
N PHE B 106 11.31 5.76 -35.61
CA PHE B 106 12.46 5.85 -34.78
C PHE B 106 12.60 4.61 -33.87
N ALA B 107 13.79 4.44 -33.30
CA ALA B 107 14.05 3.39 -32.28
C ALA B 107 13.67 3.98 -30.91
N LEU B 108 13.29 3.12 -29.95
CA LEU B 108 12.77 3.59 -28.66
C LEU B 108 13.19 2.57 -27.57
N ALA B 109 13.79 3.09 -26.49
CA ALA B 109 14.10 2.38 -25.24
C ALA B 109 13.50 3.13 -24.05
N GLY B 110 12.86 2.38 -23.15
CA GLY B 110 12.34 2.96 -21.90
C GLY B 110 12.55 2.05 -20.69
N HIS B 111 12.48 2.68 -19.52
CA HIS B 111 12.70 2.07 -18.22
C HIS B 111 11.52 2.46 -17.32
N ASN B 112 10.98 1.52 -16.55
CA ASN B 112 9.99 1.83 -15.50
C ASN B 112 8.77 2.48 -16.21
N ARG B 113 8.27 3.64 -15.77
CA ARG B 113 7.08 4.29 -16.38
C ARG B 113 7.28 4.57 -17.90
N GLY B 114 8.52 4.92 -18.26
CA GLY B 114 8.87 5.25 -19.67
C GLY B 114 8.81 4.02 -20.57
N ALA B 115 9.02 2.84 -20.00
CA ALA B 115 8.87 1.57 -20.72
C ALA B 115 7.40 1.23 -20.96
N ARG B 116 6.53 1.65 -20.02
CA ARG B 116 5.11 1.50 -20.18
C ARG B 116 4.56 2.43 -21.27
N VAL B 117 5.02 3.68 -21.29
CA VAL B 117 4.77 4.53 -22.43
C VAL B 117 5.21 3.88 -23.74
N SER B 118 6.39 3.25 -23.73
CA SER B 118 6.94 2.67 -24.96
C SER B 118 6.13 1.47 -25.52
N TYR B 119 5.77 0.52 -24.66
CA TYR B 119 5.03 -0.65 -25.15
C TYR B 119 3.61 -0.22 -25.57
N ARG B 120 3.06 0.82 -24.89
CA ARG B 120 1.71 1.28 -25.26
C ARG B 120 1.83 2.00 -26.60
N LEU B 121 2.95 2.72 -26.83
CA LEU B 121 3.15 3.37 -28.14
C LEU B 121 3.21 2.28 -29.23
N ALA B 122 3.93 1.18 -28.97
CA ALA B 122 4.09 0.08 -29.96
C ALA B 122 2.75 -0.58 -30.27
N LEU B 123 1.93 -0.79 -29.22
CA LEU B 123 0.57 -1.31 -29.41
C LEU B 123 -0.39 -0.36 -30.17
N ASP B 124 -0.34 0.95 -29.92
CA ASP B 124 -1.21 1.89 -30.56
C ASP B 124 -0.79 2.31 -32.00
N SER B 125 0.51 2.51 -32.22
CA SER B 125 1.02 3.16 -33.41
C SER B 125 2.31 2.43 -33.80
N PRO B 126 2.22 1.12 -34.09
CA PRO B 126 3.41 0.40 -34.36
C PRO B 126 4.27 0.91 -35.51
N GLY B 127 3.66 1.68 -36.44
CA GLY B 127 4.35 2.24 -37.61
C GLY B 127 5.39 3.28 -37.25
N ARG B 128 5.29 3.81 -36.03
CA ARG B 128 6.23 4.78 -35.54
C ARG B 128 7.58 4.20 -35.18
N LEU B 129 7.68 2.90 -34.94
CA LEU B 129 8.91 2.31 -34.39
C LEU B 129 9.62 1.34 -35.28
N SER B 130 10.93 1.52 -35.41
CA SER B 130 11.80 0.52 -36.09
C SER B 130 12.11 -0.65 -35.16
N LYS B 131 12.46 -0.31 -33.91
CA LYS B 131 12.79 -1.32 -32.87
C LYS B 131 12.42 -0.77 -31.49
N LEU B 132 12.16 -1.68 -30.54
CA LEU B 132 11.74 -1.30 -29.19
C LEU B 132 12.49 -2.11 -28.12
N ALA B 133 12.96 -1.42 -27.08
CA ALA B 133 13.58 -2.05 -25.91
C ALA B 133 12.88 -1.58 -24.65
N VAL B 134 12.60 -2.52 -23.76
CA VAL B 134 11.97 -2.23 -22.46
C VAL B 134 12.91 -2.77 -21.37
N LEU B 135 13.15 -1.95 -20.35
CA LEU B 135 14.08 -2.29 -19.24
C LEU B 135 13.36 -2.53 -17.91
N ASP B 136 13.44 -3.78 -17.45
CA ASP B 136 12.94 -4.25 -16.12
C ASP B 136 11.49 -4.00 -15.79
N ILE B 137 10.60 -4.28 -16.75
CA ILE B 137 9.16 -4.23 -16.54
C ILE B 137 8.49 -5.46 -17.20
N LEU B 138 7.29 -5.79 -16.71
CA LEU B 138 6.24 -6.54 -17.43
C LEU B 138 5.09 -5.53 -17.72
N PRO B 139 4.15 -5.85 -18.65
CA PRO B 139 2.93 -5.05 -18.85
C PRO B 139 2.14 -4.84 -17.56
N THR B 140 1.61 -3.63 -17.43
CA THR B 140 0.73 -3.23 -16.33
C THR B 140 -0.36 -4.26 -16.05
N TYR B 141 -0.99 -4.78 -17.09
CA TYR B 141 -2.02 -5.84 -16.89
C TYR B 141 -1.41 -7.04 -16.15
N GLU B 142 -0.19 -7.46 -16.51
CA GLU B 142 0.41 -8.66 -15.91
C GLU B 142 0.74 -8.42 -14.42
N TYR B 143 1.28 -7.22 -14.08
CA TYR B 143 1.51 -6.90 -12.67
C TYR B 143 0.22 -6.95 -11.86
N TRP B 144 -0.89 -6.45 -12.39
CA TRP B 144 -2.15 -6.49 -11.67
C TRP B 144 -2.71 -7.88 -11.56
N GLN B 145 -2.61 -8.66 -12.63
CA GLN B 145 -3.09 -10.08 -12.57
C GLN B 145 -2.36 -10.89 -11.52
N ARG B 146 -1.06 -10.62 -11.37
CA ARG B 146 -0.18 -11.17 -10.30
C ARG B 146 -0.37 -10.56 -8.90
N MET B 147 -1.43 -9.79 -8.64
CA MET B 147 -1.47 -9.01 -7.34
C MET B 147 -2.02 -9.75 -6.12
N ASN B 148 -1.29 -10.78 -5.71
CA ASN B 148 -1.54 -11.57 -4.50
C ASN B 148 -0.85 -10.94 -3.26
N ARG B 149 -0.89 -11.59 -2.12
CA ARG B 149 -0.26 -11.06 -0.93
C ARG B 149 1.26 -10.73 -1.17
N ALA B 150 2.03 -11.64 -1.77
CA ALA B 150 3.46 -11.40 -2.02
C ALA B 150 3.66 -10.13 -2.84
N TYR B 151 2.90 -9.94 -3.91
CA TYR B 151 3.05 -8.74 -4.76
C TYR B 151 2.50 -7.45 -4.09
N ALA B 152 1.39 -7.57 -3.39
CA ALA B 152 0.79 -6.43 -2.72
C ALA B 152 1.86 -5.87 -1.77
N LEU B 153 2.64 -6.75 -1.14
CA LEU B 153 3.71 -6.29 -0.25
C LEU B 153 4.91 -5.74 -1.00
N LYS B 154 5.37 -6.43 -2.05
CA LYS B 154 6.58 -6.03 -2.75
C LYS B 154 6.36 -4.74 -3.50
N ILE B 155 5.22 -4.64 -4.17
CA ILE B 155 4.95 -3.49 -5.02
C ILE B 155 3.84 -2.63 -4.41
N TYR B 156 3.95 -2.34 -3.11
CA TYR B 156 2.83 -1.64 -2.40
C TYR B 156 2.49 -0.26 -2.98
N HIS B 157 3.49 0.41 -3.56
CA HIS B 157 3.33 1.77 -4.06
C HIS B 157 2.36 1.94 -5.24
N TRP B 158 2.22 0.89 -6.04
CA TRP B 158 1.11 0.81 -7.03
C TRP B 158 -0.30 1.04 -6.48
N SER B 159 -0.55 0.58 -5.25
CA SER B 159 -1.84 0.84 -4.56
C SER B 159 -1.90 2.13 -3.69
N PHE B 160 -0.80 2.44 -3.03
CA PHE B 160 -0.67 3.60 -2.15
C PHE B 160 -0.69 4.89 -2.98
N LEU B 161 0.14 4.95 -4.02
CA LEU B 161 0.18 6.15 -4.86
C LEU B 161 -1.06 6.35 -5.72
N ALA B 162 -1.87 5.29 -5.87
CA ALA B 162 -3.09 5.34 -6.60
C ALA B 162 -4.30 5.71 -5.75
N GLN B 163 -4.13 5.88 -4.44
CA GLN B 163 -5.28 6.25 -3.58
C GLN B 163 -5.78 7.65 -3.97
N PRO B 164 -7.10 7.89 -3.87
CA PRO B 164 -7.58 9.19 -4.27
C PRO B 164 -6.89 10.35 -3.58
N ALA B 165 -6.64 11.40 -4.34
CA ALA B 165 -6.10 12.64 -3.85
C ALA B 165 -7.02 13.22 -2.77
N PRO B 166 -6.43 13.84 -1.72
CA PRO B 166 -5.01 14.18 -1.46
C PRO B 166 -4.20 13.19 -0.55
N LEU B 167 -4.65 11.96 -0.38
CA LEU B 167 -4.04 11.11 0.65
C LEU B 167 -2.50 10.93 0.42
N PRO B 168 -2.07 10.39 -0.73
CA PRO B 168 -0.57 10.26 -0.87
C PRO B 168 0.16 11.61 -0.94
N GLU B 169 -0.44 12.58 -1.59
CA GLU B 169 0.19 13.93 -1.65
C GLU B 169 0.43 14.54 -0.25
N ASN B 170 -0.60 14.48 0.60
CA ASN B 170 -0.43 14.94 1.98
C ASN B 170 0.73 14.19 2.69
N LEU B 171 0.80 12.86 2.55
CA LEU B 171 1.86 12.11 3.23
C LEU B 171 3.28 12.40 2.72
N LEU B 172 3.44 12.53 1.40
CA LEU B 172 4.73 12.74 0.77
C LEU B 172 5.34 14.12 1.09
N GLY B 173 4.49 15.04 1.50
CA GLY B 173 4.81 16.44 1.72
C GLY B 173 5.66 16.69 2.96
N GLY B 174 5.60 15.79 3.94
CA GLY B 174 6.30 16.04 5.21
C GLY B 174 7.82 15.86 5.18
N ASP B 175 8.28 14.84 4.44
CA ASP B 175 9.71 14.61 4.18
C ASP B 175 9.98 13.97 2.81
N PRO B 176 9.82 14.75 1.76
CA PRO B 176 9.98 14.15 0.43
C PRO B 176 11.38 13.63 0.13
N ASP B 177 12.45 14.29 0.61
CA ASP B 177 13.82 13.84 0.39
C ASP B 177 14.00 12.40 0.88
N PHE B 178 13.49 12.10 2.08
N PHE B 178 13.47 12.10 2.06
CA PHE B 178 13.62 10.72 2.59
CA PHE B 178 13.62 10.76 2.61
C PHE B 178 12.95 9.70 1.66
C PHE B 178 12.92 9.69 1.74
N TYR B 179 11.76 10.03 1.21
CA TYR B 179 10.96 9.05 0.42
C TYR B 179 11.63 8.71 -0.88
N VAL B 180 12.03 9.72 -1.65
CA VAL B 180 12.75 9.51 -2.93
C VAL B 180 14.06 8.75 -2.76
N LYS B 181 14.83 9.06 -1.73
CA LYS B 181 16.14 8.45 -1.54
C LYS B 181 15.98 7.00 -1.13
N ALA B 182 14.88 6.70 -0.38
CA ALA B 182 14.55 5.36 0.11
C ALA B 182 14.08 4.50 -1.07
N LYS B 183 13.34 5.07 -2.00
CA LYS B 183 12.95 4.35 -3.22
C LYS B 183 14.13 3.98 -4.10
N LEU B 184 14.95 4.99 -4.42
CA LEU B 184 16.15 4.79 -5.19
C LEU B 184 17.01 3.65 -4.63
N ALA B 185 17.28 3.73 -3.33
CA ALA B 185 18.11 2.74 -2.64
C ALA B 185 17.52 1.35 -2.60
N SER B 186 16.25 1.25 -2.23
CA SER B 186 15.65 -0.05 -1.92
C SER B 186 15.46 -0.96 -3.15
N TRP B 187 15.42 -0.38 -4.33
CA TRP B 187 15.29 -1.20 -5.54
C TRP B 187 16.65 -1.64 -6.20
N THR B 188 17.78 -1.10 -5.72
CA THR B 188 19.12 -1.47 -6.20
C THR B 188 19.58 -2.79 -5.55
N ARG B 189 20.51 -3.46 -6.21
CA ARG B 189 21.19 -4.64 -5.62
C ARG B 189 21.86 -4.34 -4.25
N ALA B 190 22.50 -3.17 -4.19
CA ALA B 190 23.31 -2.76 -3.00
C ALA B 190 22.42 -2.41 -1.82
N GLY B 191 21.25 -1.82 -2.08
CA GLY B 191 20.35 -1.40 -1.01
C GLY B 191 20.72 -0.05 -0.44
N ASP B 192 21.65 0.66 -1.09
CA ASP B 192 21.96 2.02 -0.70
C ASP B 192 22.04 2.87 -1.95
N LEU B 193 22.59 4.05 -1.84
CA LEU B 193 22.72 4.94 -2.99
C LEU B 193 24.09 4.86 -3.71
N SER B 194 24.87 3.81 -3.44
CA SER B 194 26.26 3.78 -3.95
C SER B 194 26.38 3.56 -5.47
N ALA B 195 25.38 2.91 -6.07
CA ALA B 195 25.33 2.78 -7.53
C ALA B 195 25.10 4.10 -8.27
N PHE B 196 24.48 5.08 -7.61
CA PHE B 196 24.15 6.35 -8.27
C PHE B 196 25.27 7.41 -8.19
N ASP B 197 25.41 8.19 -9.26
CA ASP B 197 26.18 9.43 -9.18
C ASP B 197 25.45 10.46 -8.26
N PRO B 198 26.15 11.09 -7.28
CA PRO B 198 25.51 12.06 -6.36
C PRO B 198 24.88 13.27 -7.04
N ARG B 199 25.43 13.66 -8.18
CA ARG B 199 24.86 14.75 -8.98
C ARG B 199 23.49 14.33 -9.58
N ALA B 200 23.39 13.08 -10.03
CA ALA B 200 22.10 12.53 -10.51
C ALA B 200 21.07 12.45 -9.38
N VAL B 201 21.51 12.01 -8.19
CA VAL B 201 20.63 11.95 -7.03
C VAL B 201 20.06 13.34 -6.75
N GLU B 202 20.86 14.40 -6.89
CA GLU B 202 20.38 15.77 -6.64
C GLU B 202 19.35 16.22 -7.69
N HIS B 203 19.57 15.94 -8.97
CA HIS B 203 18.46 16.10 -10.00
C HIS B 203 17.14 15.40 -9.50
N TYR B 204 17.22 14.12 -9.09
CA TYR B 204 16.01 13.40 -8.64
C TYR B 204 15.36 14.01 -7.37
N ARG B 205 16.18 14.40 -6.40
CA ARG B 205 15.66 15.04 -5.17
C ARG B 205 14.98 16.39 -5.44
N ILE B 206 15.59 17.16 -6.33
CA ILE B 206 15.11 18.52 -6.59
C ILE B 206 13.77 18.45 -7.27
N ALA B 207 13.63 17.52 -8.22
CA ALA B 207 12.36 17.34 -8.90
C ALA B 207 11.30 16.85 -7.88
N PHE B 208 11.63 15.88 -7.02
CA PHE B 208 10.67 15.30 -6.09
C PHE B 208 10.29 16.29 -4.96
N ALA B 209 11.09 17.35 -4.79
CA ALA B 209 10.87 18.35 -3.71
C ALA B 209 9.67 19.26 -4.01
N ASP B 210 9.29 19.32 -5.30
CA ASP B 210 8.18 20.15 -5.75
C ASP B 210 6.83 19.44 -5.63
N PRO B 211 5.87 20.02 -4.89
CA PRO B 211 4.54 19.41 -4.68
C PRO B 211 3.79 19.14 -5.97
N MET B 212 3.96 20.00 -6.96
CA MET B 212 3.22 19.84 -8.20
C MET B 212 3.78 18.66 -9.04
N ARG B 213 5.09 18.41 -8.93
CA ARG B 213 5.74 17.30 -9.61
C ARG B 213 5.33 16.01 -8.88
N ARG B 214 5.24 16.05 -7.57
CA ARG B 214 4.77 14.86 -6.84
C ARG B 214 3.34 14.50 -7.24
N HIS B 215 2.48 15.50 -7.44
CA HIS B 215 1.07 15.26 -7.79
C HIS B 215 0.97 14.58 -9.15
N VAL B 216 1.79 15.04 -10.08
CA VAL B 216 1.92 14.35 -11.38
C VAL B 216 2.26 12.87 -11.25
N MET B 217 3.24 12.52 -10.41
CA MET B 217 3.59 11.14 -10.13
C MET B 217 2.41 10.29 -9.66
N CYS B 218 1.67 10.77 -8.68
CA CYS B 218 0.45 10.10 -8.23
C CYS B 218 -0.57 9.99 -9.36
N GLU B 219 -0.73 11.02 -10.19
CA GLU B 219 -1.66 10.90 -11.33
C GLU B 219 -1.29 9.76 -12.24
N ASP B 220 0.00 9.59 -12.47
CA ASP B 220 0.59 8.51 -13.28
C ASP B 220 0.20 7.16 -12.70
N TYR B 221 0.37 7.02 -11.39
CA TYR B 221 0.02 5.73 -10.73
C TYR B 221 -1.50 5.51 -10.66
N ARG B 222 -2.30 6.56 -10.50
CA ARG B 222 -3.78 6.44 -10.61
C ARG B 222 -4.18 5.96 -12.05
N ALA B 223 -3.64 6.59 -13.09
CA ALA B 223 -3.73 6.02 -14.45
C ALA B 223 -3.34 4.55 -14.54
N GLY B 224 -2.21 4.20 -13.92
CA GLY B 224 -1.68 2.80 -13.88
C GLY B 224 -2.64 1.80 -13.26
N ALA B 225 -3.46 2.25 -12.32
CA ALA B 225 -4.47 1.43 -11.62
C ALA B 225 -5.79 1.28 -12.39
N TYR B 226 -6.08 2.23 -13.27
CA TYR B 226 -7.42 2.43 -13.91
C TYR B 226 -7.32 2.44 -15.43
N ALA B 227 -7.28 3.57 -16.12
CA ALA B 227 -7.27 3.51 -17.63
C ALA B 227 -6.17 2.65 -18.28
N ASP B 228 -4.94 2.69 -17.76
CA ASP B 228 -3.86 1.97 -18.41
C ASP B 228 -4.15 0.48 -18.33
N PHE B 229 -4.70 0.08 -17.19
CA PHE B 229 -5.07 -1.35 -17.00
C PHE B 229 -6.14 -1.79 -18.01
N GLU B 230 -7.13 -0.95 -18.14
CA GLU B 230 -8.28 -1.23 -19.02
C GLU B 230 -7.77 -1.24 -20.47
N HIS B 231 -6.83 -0.32 -20.83
CA HIS B 231 -6.23 -0.36 -22.17
C HIS B 231 -5.54 -1.66 -22.45
N ASP B 232 -4.68 -2.12 -21.53
CA ASP B 232 -3.99 -3.38 -21.65
C ASP B 232 -4.98 -4.55 -21.77
N LYS B 233 -6.02 -4.50 -20.96
CA LYS B 233 -7.04 -5.60 -20.94
C LYS B 233 -7.68 -5.82 -22.32
N ILE B 234 -7.99 -4.74 -23.03
CA ILE B 234 -8.58 -4.85 -24.37
C ILE B 234 -7.62 -5.60 -25.29
N ASP B 235 -6.33 -5.23 -25.31
CA ASP B 235 -5.34 -5.96 -26.12
C ASP B 235 -5.20 -7.43 -25.73
N VAL B 236 -5.08 -7.74 -24.43
CA VAL B 236 -5.01 -9.14 -24.03
C VAL B 236 -6.29 -9.90 -24.46
N GLU B 237 -7.47 -9.34 -24.26
CA GLU B 237 -8.71 -10.05 -24.70
C GLU B 237 -8.80 -10.25 -26.26
N ALA B 238 -8.24 -9.31 -27.04
CA ALA B 238 -8.19 -9.39 -28.49
C ALA B 238 -7.09 -10.30 -29.04
N GLY B 239 -6.15 -10.72 -28.19
CA GLY B 239 -4.94 -11.37 -28.62
C GLY B 239 -3.94 -10.49 -29.38
N ASN B 240 -3.95 -9.17 -29.17
CA ASN B 240 -3.07 -8.31 -29.96
C ASN B 240 -1.63 -8.48 -29.45
N LYS B 241 -0.68 -8.55 -30.38
CA LYS B 241 0.73 -8.74 -30.08
C LYS B 241 1.47 -7.61 -30.80
N ILE B 242 2.44 -7.03 -30.11
CA ILE B 242 3.39 -6.09 -30.73
C ILE B 242 4.19 -6.73 -31.87
N PRO B 243 4.08 -6.15 -33.09
CA PRO B 243 4.77 -6.61 -34.28
C PRO B 243 6.22 -6.11 -34.46
N VAL B 244 6.55 -4.99 -33.80
CA VAL B 244 7.87 -4.36 -33.82
C VAL B 244 8.93 -5.28 -33.16
N PRO B 245 10.12 -5.44 -33.80
CA PRO B 245 11.24 -6.14 -33.14
C PRO B 245 11.58 -5.50 -31.80
N MET B 246 11.67 -6.36 -30.81
CA MET B 246 11.70 -5.97 -29.42
C MET B 246 12.82 -6.66 -28.64
N LEU B 247 13.35 -5.94 -27.62
CA LEU B 247 14.26 -6.47 -26.63
C LEU B 247 13.75 -6.22 -25.21
N ALA B 248 13.76 -7.27 -24.38
CA ALA B 248 13.42 -7.14 -22.96
C ALA B 248 14.67 -7.45 -22.13
N LEU B 249 15.15 -6.44 -21.41
CA LEU B 249 16.27 -6.59 -20.48
C LEU B 249 15.71 -6.53 -19.07
N TRP B 250 16.24 -7.36 -18.15
CA TRP B 250 15.74 -7.39 -16.77
C TRP B 250 16.91 -7.63 -15.80
N GLY B 251 16.77 -7.11 -14.58
CA GLY B 251 17.85 -7.18 -13.58
C GLY B 251 17.74 -8.53 -12.89
N ALA B 252 18.87 -9.23 -12.72
CA ALA B 252 18.89 -10.55 -12.06
C ALA B 252 18.33 -10.42 -10.64
N SER B 253 18.72 -9.32 -9.98
CA SER B 253 17.98 -8.79 -8.82
C SER B 253 16.88 -7.81 -9.30
N PRO B 262 10.09 -13.85 -17.83
CA PRO B 262 9.90 -12.44 -18.29
C PRO B 262 9.93 -12.39 -19.78
N LEU B 263 10.86 -13.12 -20.36
CA LEU B 263 10.88 -13.33 -21.82
C LEU B 263 9.63 -14.13 -22.14
N ASP B 264 9.31 -15.13 -21.32
CA ASP B 264 8.06 -15.86 -21.52
C ASP B 264 6.79 -14.99 -21.45
N VAL B 265 6.74 -14.02 -20.54
CA VAL B 265 5.65 -13.08 -20.46
C VAL B 265 5.57 -12.20 -21.70
N TRP B 266 6.69 -11.70 -22.13
CA TRP B 266 6.72 -10.80 -23.30
C TRP B 266 6.39 -11.52 -24.62
N ARG B 267 6.76 -12.80 -24.72
CA ARG B 267 6.34 -13.64 -25.87
C ARG B 267 4.82 -13.73 -26.04
N LYS B 268 4.07 -13.61 -24.95
CA LYS B 268 2.62 -13.51 -25.03
C LYS B 268 2.11 -12.19 -25.55
N TRP B 269 2.94 -11.13 -25.49
CA TRP B 269 2.58 -9.74 -25.85
C TRP B 269 3.20 -9.20 -27.17
N ALA B 270 4.12 -9.97 -27.78
CA ALA B 270 5.00 -9.50 -28.89
C ALA B 270 5.43 -10.73 -29.74
N SER B 271 5.54 -10.57 -31.06
CA SER B 271 5.74 -11.72 -31.94
C SER B 271 7.19 -11.86 -32.33
N ASP B 272 8.04 -10.91 -31.95
CA ASP B 272 9.42 -10.92 -32.34
C ASP B 272 10.26 -10.33 -31.22
N VAL B 273 10.45 -11.11 -30.16
CA VAL B 273 11.10 -10.63 -28.94
C VAL B 273 12.29 -11.49 -28.58
N GLN B 274 13.40 -10.83 -28.23
CA GLN B 274 14.56 -11.46 -27.61
C GLN B 274 14.81 -10.78 -26.26
N GLY B 275 15.62 -11.41 -25.39
CA GLY B 275 15.75 -10.98 -23.99
C GLY B 275 17.02 -11.48 -23.31
N ALA B 276 17.50 -10.74 -22.28
CA ALA B 276 18.65 -11.16 -21.44
C ALA B 276 18.58 -10.57 -20.04
N PRO B 277 19.00 -11.34 -19.03
CA PRO B 277 19.18 -10.76 -17.71
C PRO B 277 20.47 -9.96 -17.68
N ILE B 278 20.52 -8.97 -16.81
CA ILE B 278 21.68 -8.15 -16.55
C ILE B 278 21.94 -8.21 -15.03
N GLU B 279 23.21 -8.31 -14.68
CA GLU B 279 23.61 -8.37 -13.30
C GLU B 279 23.40 -6.99 -12.69
N SER B 280 22.31 -6.87 -11.91
CA SER B 280 21.75 -5.56 -11.54
C SER B 280 20.44 -5.66 -10.76
N GLY B 281 20.18 -4.63 -9.96
CA GLY B 281 18.84 -4.33 -9.44
C GLY B 281 17.98 -3.66 -10.54
N HIS B 282 16.93 -2.95 -10.13
CA HIS B 282 15.99 -2.34 -11.06
C HIS B 282 16.61 -1.33 -12.01
N PHE B 283 17.63 -0.58 -11.53
CA PHE B 283 18.14 0.63 -12.27
C PHE B 283 19.28 0.25 -13.21
N LEU B 284 18.92 -0.52 -14.23
CA LEU B 284 19.93 -1.08 -15.09
C LEU B 284 20.90 -0.02 -15.65
N PRO B 285 20.40 1.15 -16.10
CA PRO B 285 21.41 2.01 -16.73
C PRO B 285 22.44 2.69 -15.78
N GLU B 286 22.18 2.66 -14.47
CA GLU B 286 23.11 3.20 -13.46
C GLU B 286 23.90 2.12 -12.68
N GLU B 287 23.26 1.00 -12.33
CA GLU B 287 23.92 -0.11 -11.68
C GLU B 287 24.80 -0.92 -12.62
N ALA B 288 24.43 -1.01 -13.89
CA ALA B 288 25.06 -1.93 -14.83
C ALA B 288 25.22 -1.27 -16.17
N PRO B 289 25.84 -0.08 -16.20
CA PRO B 289 25.92 0.77 -17.40
C PRO B 289 26.67 0.17 -18.58
N ASP B 290 27.82 -0.48 -18.34
CA ASP B 290 28.55 -1.16 -19.46
C ASP B 290 27.73 -2.26 -20.15
N GLN B 291 27.13 -3.12 -19.34
CA GLN B 291 26.41 -4.25 -19.85
C GLN B 291 25.12 -3.83 -20.55
N THR B 292 24.44 -2.82 -19.98
CA THR B 292 23.19 -2.25 -20.54
C THR B 292 23.47 -1.54 -21.87
N ALA B 293 24.44 -0.63 -21.90
CA ALA B 293 24.85 0.02 -23.14
C ALA B 293 25.26 -0.97 -24.22
N GLU B 294 26.01 -2.00 -23.85
CA GLU B 294 26.50 -2.96 -24.86
C GLU B 294 25.31 -3.70 -25.51
N ALA B 295 24.37 -4.19 -24.69
CA ALA B 295 23.16 -4.87 -25.14
C ALA B 295 22.29 -3.99 -26.03
N LEU B 296 22.09 -2.70 -25.66
CA LEU B 296 21.24 -1.79 -26.47
C LEU B 296 21.92 -1.48 -27.83
N VAL B 297 23.21 -1.12 -27.79
CA VAL B 297 23.99 -0.85 -29.00
C VAL B 297 23.91 -2.02 -29.98
N ARG B 298 24.12 -3.24 -29.50
CA ARG B 298 24.09 -4.41 -30.38
C ARG B 298 22.65 -4.70 -30.93
N PHE B 299 21.62 -4.45 -30.12
CA PHE B 299 20.23 -4.67 -30.58
C PHE B 299 19.86 -3.65 -31.65
N PHE B 300 20.08 -2.39 -31.33
CA PHE B 300 19.63 -1.28 -32.19
C PHE B 300 20.47 -1.13 -33.49
N SER B 301 21.66 -1.76 -33.54
CA SER B 301 22.57 -1.68 -34.71
C SER B 301 22.06 -2.53 -35.83
N ALA B 302 21.94 -3.84 -35.60
CA ALA B 302 21.25 -4.78 -36.58
C ALA B 302 20.50 -5.92 -35.89
C1 BXA C . -8.40 -4.45 10.55
O1 BXA C . -7.23 -4.05 10.43
C2 BXA C . -9.50 -3.80 9.73
O2 BXA C . -8.73 -5.40 11.28
BR2 BXA C . -8.97 -2.00 9.16
CA CA D . -1.68 -9.35 41.45
CL CL E . -8.90 -5.36 11.12
CL CL F . -11.25 -8.32 7.29
CL CL G . -28.38 1.83 16.49
CL CL H . 27.98 -3.24 -16.26
CL CL I . 7.09 0.81 -13.47
#